data_6DUB
#
_entry.id   6DUB
#
_cell.length_a   44.359
_cell.length_b   44.359
_cell.length_c   262.058
_cell.angle_alpha   90.000
_cell.angle_beta   90.000
_cell.angle_gamma   90.000
#
_symmetry.space_group_name_H-M   'P 43'
#
loop_
_entity.id
_entity.type
_entity.pdbx_description
1 polymer 'Alpha N-terminal protein methyltransferase 1B'
2 polymer RCC1
3 non-polymer S-ADENOSYL-L-HOMOCYSTEINE
4 non-polymer GLYCEROL
5 non-polymer 'UNKNOWN ATOM OR ION'
6 water water
#
loop_
_entity_poly.entity_id
_entity_poly.type
_entity_poly.pdbx_seq_one_letter_code
_entity_poly.pdbx_strand_id
1 'polypeptide(L)'
;GTSQVINGEMQFYARAKLFYQEVPATEEGMMGNFIELSSPDIQASQKFLRKFVGGPGRAGTDCALDCGSGIGRVSKHVLL
PVFNSVELVDMMESFLLEAQNYLQVKGDKVESYHCYSLQEFTPPFRRYDVIWIQWVSGHLTDKDLLAFLSRCRDGLKENG
IIILKDNVAREGCILDLSDSSVTRDMDILRSLIRKSGLVVLGQEKQDGFPEQCIPVWMFALH
;
A,B
2 'polypeptide(L)' (5JP)PKRIA E,F
#
loop_
_chem_comp.id
_chem_comp.type
_chem_comp.name
_chem_comp.formula
5JP non-polymer N-methyl-L-serine 'C4 H9 N O3'
GOL non-polymer GLYCEROL 'C3 H8 O3'
UNX non-polymer 'UNKNOWN ATOM OR ION' ?
#
# COMPACT_ATOMS: atom_id res chain seq x y z
N GLY A 1 6.17 -12.53 8.92
CA GLY A 1 6.48 -12.64 7.48
C GLY A 1 5.50 -11.77 6.79
N THR A 2 4.72 -12.34 5.90
CA THR A 2 3.83 -11.48 5.09
C THR A 2 2.38 -11.54 5.51
N SER A 3 2.04 -12.20 6.62
CA SER A 3 0.65 -12.42 7.03
C SER A 3 -0.07 -11.08 7.27
N GLN A 4 0.62 -10.02 7.72
CA GLN A 4 -0.07 -8.73 7.96
C GLN A 4 -0.13 -7.93 6.66
N VAL A 5 0.94 -7.94 5.86
CA VAL A 5 0.96 -7.11 4.69
C VAL A 5 -0.03 -7.66 3.66
N ILE A 6 -0.28 -8.96 3.63
CA ILE A 6 -1.22 -9.55 2.69
C ILE A 6 -2.68 -9.48 3.18
N ASN A 7 -2.94 -9.01 4.43
CA ASN A 7 -4.28 -8.73 4.90
C ASN A 7 -4.70 -7.40 4.28
N GLY A 8 -5.44 -7.48 3.18
CA GLY A 8 -5.76 -6.32 2.40
C GLY A 8 -6.51 -5.26 3.18
N GLU A 9 -7.48 -5.69 4.00
CA GLU A 9 -8.24 -4.79 4.82
CA GLU A 9 -8.23 -4.73 4.76
C GLU A 9 -7.33 -4.02 5.77
N MET A 10 -6.50 -4.76 6.48
CA MET A 10 -5.57 -4.15 7.43
C MET A 10 -4.69 -3.15 6.75
N GLN A 11 -4.15 -3.48 5.58
CA GLN A 11 -3.26 -2.56 4.87
C GLN A 11 -4.03 -1.37 4.32
N PHE A 12 -5.27 -1.58 3.90
CA PHE A 12 -6.10 -0.49 3.39
C PHE A 12 -6.24 0.60 4.44
N TYR A 13 -6.54 0.21 5.67
CA TYR A 13 -6.66 1.17 6.74
C TYR A 13 -5.29 1.72 7.16
N ALA A 14 -4.25 0.88 7.27
CA ALA A 14 -2.95 1.34 7.70
C ALA A 14 -2.35 2.36 6.77
N ARG A 15 -2.46 2.11 5.47
CA ARG A 15 -1.91 3.02 4.47
C ARG A 15 -2.66 4.36 4.45
N ALA A 16 -3.93 4.37 4.75
CA ALA A 16 -4.67 5.64 4.79
C ALA A 16 -4.16 6.49 5.99
N LYS A 17 -3.89 5.84 7.13
CA LYS A 17 -3.35 6.58 8.26
C LYS A 17 -2.00 7.15 7.94
N LEU A 18 -1.17 6.37 7.28
CA LEU A 18 0.14 6.88 6.91
C LEU A 18 0.04 8.08 5.94
N PHE A 19 -0.95 8.06 5.03
CA PHE A 19 -1.16 9.18 4.15
C PHE A 19 -1.53 10.44 4.97
N TYR A 20 -2.54 10.33 5.85
CA TYR A 20 -2.99 11.53 6.53
C TYR A 20 -1.99 12.03 7.57
N GLN A 21 -1.08 11.19 8.04
CA GLN A 21 0.02 11.66 8.88
C GLN A 21 0.85 12.77 8.20
N GLU A 22 0.89 12.81 6.87
CA GLU A 22 1.69 13.78 6.13
C GLU A 22 0.87 14.88 5.46
N VAL A 23 -0.45 14.88 5.69
CA VAL A 23 -1.33 15.92 5.13
C VAL A 23 -1.33 17.10 6.10
N PRO A 24 -1.06 18.33 5.58
CA PRO A 24 -1.12 19.49 6.49
C PRO A 24 -2.52 19.72 7.02
N ALA A 25 -2.58 20.18 8.26
CA ALA A 25 -3.84 20.39 8.93
C ALA A 25 -4.39 21.79 8.56
N THR A 26 -4.76 21.93 7.29
CA THR A 26 -5.17 23.16 6.68
C THR A 26 -6.26 22.85 5.64
N GLU A 27 -6.98 23.86 5.19
CA GLU A 27 -8.00 23.66 4.20
C GLU A 27 -7.38 23.06 2.96
N GLU A 28 -6.22 23.55 2.53
CA GLU A 28 -5.58 22.94 1.37
C GLU A 28 -5.31 21.45 1.62
N GLY A 29 -4.78 21.12 2.77
CA GLY A 29 -4.58 19.70 3.08
C GLY A 29 -5.85 18.89 2.95
N MET A 30 -6.96 19.41 3.44
CA MET A 30 -8.24 18.74 3.40
C MET A 30 -8.73 18.47 1.99
N MET A 31 -8.42 19.43 1.12
CA MET A 31 -8.88 19.42 -0.26
C MET A 31 -7.93 18.68 -1.23
N GLY A 32 -6.85 18.15 -0.71
CA GLY A 32 -5.91 17.46 -1.56
C GLY A 32 -5.37 18.37 -2.63
N ASN A 33 -5.45 17.91 -3.88
CA ASN A 33 -4.94 18.72 -4.96
C ASN A 33 -5.94 19.73 -5.50
N PHE A 34 -7.03 19.99 -4.78
CA PHE A 34 -8.15 20.77 -5.34
C PHE A 34 -8.68 21.89 -4.42
N ILE A 35 -7.83 22.66 -3.79
CA ILE A 35 -8.31 23.73 -2.94
C ILE A 35 -9.27 24.69 -3.64
N GLU A 36 -9.06 24.92 -4.94
CA GLU A 36 -9.95 25.80 -5.70
C GLU A 36 -11.37 25.27 -5.81
N LEU A 37 -11.63 23.99 -5.47
CA LEU A 37 -12.98 23.44 -5.48
C LEU A 37 -13.67 23.51 -4.13
N SER A 38 -13.02 24.06 -3.09
CA SER A 38 -13.68 24.17 -1.81
C SER A 38 -14.90 25.10 -1.94
N SER A 39 -14.74 26.25 -2.61
CA SER A 39 -15.83 27.18 -2.76
C SER A 39 -17.08 26.61 -3.47
N PRO A 40 -16.95 25.99 -4.66
CA PRO A 40 -18.17 25.39 -5.28
C PRO A 40 -18.70 24.22 -4.44
N ASP A 41 -17.81 23.46 -3.78
CA ASP A 41 -18.26 22.39 -2.91
C ASP A 41 -19.19 22.95 -1.85
N ILE A 42 -18.75 23.98 -1.16
CA ILE A 42 -19.51 24.59 -0.05
C ILE A 42 -20.84 25.13 -0.56
N GLN A 43 -20.80 25.84 -1.70
CA GLN A 43 -22.04 26.44 -2.18
C GLN A 43 -23.08 25.36 -2.49
N ALA A 44 -22.64 24.26 -3.10
CA ALA A 44 -23.53 23.17 -3.40
C ALA A 44 -24.06 22.51 -2.13
N SER A 45 -23.20 22.34 -1.13
CA SER A 45 -23.64 21.80 0.14
C SER A 45 -24.66 22.69 0.87
N GLN A 46 -24.44 24.00 0.83
CA GLN A 46 -25.39 24.93 1.41
C GLN A 46 -26.77 24.83 0.75
N LYS A 47 -26.77 24.75 -0.59
CA LYS A 47 -28.02 24.69 -1.36
C LYS A 47 -28.75 23.39 -1.10
N PHE A 48 -28.01 22.30 -0.94
CA PHE A 48 -28.64 20.98 -0.71
C PHE A 48 -29.16 20.87 0.72
N LEU A 49 -28.31 21.21 1.70
CA LEU A 49 -28.70 21.05 3.11
C LEU A 49 -30.02 21.73 3.45
N ARG A 50 -30.20 22.93 2.90
CA ARG A 50 -31.34 23.77 3.29
C ARG A 50 -32.66 23.17 2.80
N LYS A 51 -32.62 22.25 1.85
CA LYS A 51 -33.83 21.60 1.39
C LYS A 51 -34.32 20.53 2.36
N PHE A 52 -33.50 20.13 3.34
CA PHE A 52 -33.84 18.99 4.20
C PHE A 52 -33.90 19.35 5.64
N VAL A 53 -33.64 20.60 6.01
CA VAL A 53 -33.75 21.04 7.39
C VAL A 53 -34.75 22.18 7.53
N GLY A 54 -35.23 22.39 8.76
CA GLY A 54 -36.22 23.46 9.00
C GLY A 54 -37.71 23.13 8.84
N GLY A 55 -38.51 23.38 9.87
CA GLY A 55 -39.94 23.27 9.72
C GLY A 55 -40.47 21.84 9.63
N PRO A 56 -41.76 21.68 9.29
N PRO A 56 -41.81 21.69 9.67
CA PRO A 56 -42.54 20.44 9.36
CA PRO A 56 -42.58 20.48 9.99
C PRO A 56 -41.98 19.20 8.65
C PRO A 56 -42.16 19.16 9.38
N GLY A 57 -41.67 18.18 9.45
N GLY A 57 -41.74 19.23 8.12
CA GLY A 57 -41.28 16.83 9.00
CA GLY A 57 -41.39 18.02 7.36
C GLY A 57 -39.81 16.78 8.57
C GLY A 57 -39.91 18.03 7.00
N ARG A 58 -39.21 17.96 8.43
N ARG A 58 -39.10 18.59 7.91
CA ARG A 58 -37.83 18.16 7.93
CA ARG A 58 -37.65 18.56 7.79
C ARG A 58 -36.90 18.16 9.12
N ALA A 59 -35.58 17.94 8.98
CA ALA A 59 -34.72 17.72 10.14
C ALA A 59 -34.61 18.99 10.96
N GLY A 60 -34.31 18.83 12.25
CA GLY A 60 -34.05 19.95 13.11
C GLY A 60 -32.72 20.58 12.87
N THR A 61 -32.46 21.60 13.67
CA THR A 61 -31.23 22.40 13.49
C THR A 61 -30.47 22.58 14.80
N ASP A 62 -30.62 21.66 15.74
CA ASP A 62 -29.93 21.80 17.00
CA ASP A 62 -29.92 21.75 17.04
C ASP A 62 -28.50 21.20 16.99
N CYS A 63 -28.30 20.02 16.39
CA CYS A 63 -27.00 19.36 16.54
C CYS A 63 -26.66 18.52 15.32
N ALA A 64 -25.43 18.69 14.84
CA ALA A 64 -24.92 17.90 13.72
C ALA A 64 -23.60 17.25 14.06
N LEU A 65 -23.35 16.13 13.37
CA LEU A 65 -22.07 15.39 13.47
C LEU A 65 -21.34 15.50 12.13
N ASP A 66 -20.08 15.86 12.18
CA ASP A 66 -19.22 16.00 11.02
C ASP A 66 -18.24 14.80 11.02
N CYS A 67 -18.52 13.82 10.14
CA CYS A 67 -17.80 12.54 10.13
C CYS A 67 -16.62 12.64 9.14
N GLY A 68 -15.47 12.07 9.53
CA GLY A 68 -14.27 12.28 8.77
C GLY A 68 -14.03 13.79 8.67
N SER A 69 -14.18 14.49 9.80
CA SER A 69 -14.21 15.96 9.79
C SER A 69 -12.93 16.56 9.28
N GLY A 70 -11.80 15.90 9.49
CA GLY A 70 -10.53 16.60 9.38
C GLY A 70 -10.54 17.76 10.40
N ILE A 71 -10.01 18.88 9.94
CA ILE A 71 -9.95 20.09 10.79
C ILE A 71 -11.32 20.78 10.95
N GLY A 72 -12.35 20.29 10.26
CA GLY A 72 -13.68 20.85 10.34
C GLY A 72 -14.08 21.83 9.29
N ARG A 73 -13.57 21.68 8.07
CA ARG A 73 -13.96 22.59 6.96
C ARG A 73 -15.48 22.61 6.74
N VAL A 74 -16.12 21.42 6.77
CA VAL A 74 -17.54 21.38 6.58
C VAL A 74 -18.26 22.00 7.79
N SER A 75 -17.79 21.71 8.99
CA SER A 75 -18.35 22.34 10.18
C SER A 75 -18.30 23.86 10.11
N LYS A 76 -17.17 24.43 9.73
CA LYS A 76 -17.06 25.91 9.68
C LYS A 76 -17.99 26.47 8.61
N HIS A 77 -17.95 25.89 7.42
CA HIS A 77 -18.54 26.58 6.30
C HIS A 77 -20.00 26.19 6.04
N VAL A 78 -20.42 25.02 6.49
CA VAL A 78 -21.74 24.46 6.17
C VAL A 78 -22.60 24.26 7.40
N LEU A 79 -22.04 23.62 8.45
CA LEU A 79 -22.85 23.19 9.57
C LEU A 79 -23.06 24.24 10.65
N LEU A 80 -21.99 24.83 11.13
CA LEU A 80 -22.10 25.81 12.21
C LEU A 80 -22.98 27.01 11.89
N PRO A 81 -23.10 27.43 10.61
CA PRO A 81 -24.02 28.52 10.30
C PRO A 81 -25.48 28.15 10.38
N VAL A 82 -25.77 26.84 10.48
CA VAL A 82 -27.13 26.32 10.49
C VAL A 82 -27.53 25.70 11.82
N PHE A 83 -26.61 24.96 12.45
CA PHE A 83 -26.91 24.17 13.66
C PHE A 83 -26.42 24.91 14.89
N ASN A 84 -27.12 24.71 16.02
CA ASN A 84 -26.69 25.33 17.25
C ASN A 84 -25.40 24.74 17.80
N SER A 85 -25.13 23.47 17.52
CA SER A 85 -23.87 22.86 17.87
C SER A 85 -23.53 21.76 16.94
N VAL A 86 -22.25 21.43 16.95
CA VAL A 86 -21.73 20.40 16.13
CA VAL A 86 -21.70 20.32 16.17
C VAL A 86 -20.74 19.53 16.99
N GLU A 87 -20.54 18.29 16.54
CA GLU A 87 -19.50 17.43 17.03
C GLU A 87 -18.72 16.93 15.83
N LEU A 88 -17.46 16.64 16.05
CA LEU A 88 -16.57 16.12 15.01
C LEU A 88 -16.13 14.73 15.36
N VAL A 89 -15.99 13.89 14.32
CA VAL A 89 -15.32 12.62 14.50
C VAL A 89 -14.33 12.43 13.38
N ASP A 90 -13.10 12.08 13.76
CA ASP A 90 -12.02 11.81 12.81
C ASP A 90 -11.00 10.88 13.44
N MET A 91 -10.31 10.08 12.65
CA MET A 91 -9.27 9.22 13.21
C MET A 91 -8.01 9.96 13.60
N MET A 92 -7.77 11.15 13.07
CA MET A 92 -6.48 11.84 13.29
C MET A 92 -6.57 12.81 14.43
N GLU A 93 -5.84 12.50 15.49
CA GLU A 93 -5.74 13.41 16.64
C GLU A 93 -5.17 14.76 16.16
N SER A 94 -4.23 14.73 15.24
CA SER A 94 -3.58 15.95 14.69
C SER A 94 -4.66 16.91 14.15
N PHE A 95 -5.62 16.38 13.40
CA PHE A 95 -6.62 17.24 12.78
C PHE A 95 -7.59 17.73 13.80
N LEU A 96 -7.95 16.90 14.75
CA LEU A 96 -8.93 17.29 15.78
C LEU A 96 -8.32 18.34 16.73
N LEU A 97 -7.00 18.26 17.01
CA LEU A 97 -6.31 19.31 17.77
C LEU A 97 -6.36 20.63 16.98
N GLU A 98 -6.03 20.61 15.71
CA GLU A 98 -6.04 21.82 14.90
C GLU A 98 -7.45 22.36 14.75
N ALA A 99 -8.43 21.47 14.73
CA ALA A 99 -9.83 21.92 14.65
C ALA A 99 -10.19 22.89 15.76
N GLN A 100 -9.64 22.71 16.96
CA GLN A 100 -9.91 23.64 18.05
C GLN A 100 -9.46 25.03 17.69
N ASN A 101 -8.39 25.17 16.93
CA ASN A 101 -7.94 26.49 16.48
C ASN A 101 -8.75 26.95 15.27
N TYR A 102 -8.90 26.09 14.26
CA TYR A 102 -9.65 26.43 13.05
C TYR A 102 -11.06 26.88 13.38
N LEU A 103 -11.72 26.21 14.34
CA LEU A 103 -13.12 26.51 14.70
C LEU A 103 -13.26 27.44 15.92
N GLN A 104 -12.16 28.09 16.29
CA GLN A 104 -12.16 28.84 17.58
CA GLN A 104 -12.12 28.85 17.56
C GLN A 104 -13.28 29.85 17.65
N VAL A 105 -13.60 30.52 16.54
CA VAL A 105 -14.58 31.61 16.60
C VAL A 105 -15.90 31.06 17.15
N LYS A 106 -16.24 29.82 16.81
CA LYS A 106 -17.43 29.15 17.37
CA LYS A 106 -17.45 29.18 17.38
C LYS A 106 -17.05 27.96 18.25
N GLY A 107 -15.92 28.06 18.94
CA GLY A 107 -15.37 26.91 19.65
C GLY A 107 -16.27 26.34 20.71
N ASP A 108 -17.04 27.22 21.36
CA ASP A 108 -17.99 26.82 22.39
C ASP A 108 -19.21 26.10 21.84
N LYS A 109 -19.40 26.10 20.50
CA LYS A 109 -20.52 25.41 19.85
CA LYS A 109 -20.48 25.39 19.85
C LYS A 109 -20.05 24.02 19.35
N VAL A 110 -18.78 23.70 19.53
CA VAL A 110 -18.22 22.39 19.16
C VAL A 110 -18.18 21.57 20.44
N GLU A 111 -19.18 20.70 20.62
CA GLU A 111 -19.38 20.05 21.93
CA GLU A 111 -19.36 20.07 21.92
C GLU A 111 -18.47 18.88 22.18
N SER A 112 -17.99 18.23 21.14
CA SER A 112 -17.09 17.09 21.32
C SER A 112 -16.22 16.93 20.09
N TYR A 113 -15.00 16.47 20.34
CA TYR A 113 -14.05 16.04 19.30
C TYR A 113 -13.74 14.58 19.52
N HIS A 114 -14.34 13.72 18.70
CA HIS A 114 -14.33 12.26 18.90
C HIS A 114 -13.19 11.71 18.04
N CYS A 115 -12.17 11.15 18.66
CA CYS A 115 -11.04 10.59 17.92
C CYS A 115 -11.20 9.11 17.75
N TYR A 116 -11.84 8.72 16.65
CA TYR A 116 -12.11 7.34 16.33
C TYR A 116 -12.01 7.15 14.83
N SER A 117 -11.60 5.95 14.43
CA SER A 117 -11.88 5.50 13.07
C SER A 117 -13.35 5.16 12.96
N LEU A 118 -13.97 5.49 11.81
CA LEU A 118 -15.40 5.37 11.69
C LEU A 118 -15.85 3.93 11.85
N GLN A 119 -15.04 2.98 11.35
CA GLN A 119 -15.39 1.56 11.46
C GLN A 119 -15.37 1.07 12.91
N GLU A 120 -14.87 1.89 13.84
CA GLU A 120 -14.87 1.58 15.27
C GLU A 120 -15.75 2.54 16.06
N PHE A 121 -16.56 3.35 15.41
CA PHE A 121 -17.30 4.45 16.03
C PHE A 121 -18.77 4.16 15.98
N THR A 122 -19.44 4.37 17.13
CA THR A 122 -20.90 4.32 17.21
C THR A 122 -21.40 5.72 17.46
N PRO A 123 -22.02 6.37 16.47
CA PRO A 123 -22.59 7.69 16.74
C PRO A 123 -23.53 7.67 17.93
N PRO A 124 -23.33 8.60 18.89
CA PRO A 124 -24.18 8.61 20.04
C PRO A 124 -25.66 8.54 19.70
N PHE A 125 -26.32 7.66 20.44
CA PHE A 125 -27.72 7.30 20.20
C PHE A 125 -28.64 8.50 20.17
N ARG A 126 -29.34 8.65 19.05
CA ARG A 126 -30.35 9.67 18.84
C ARG A 126 -29.90 11.08 19.22
N ARG A 127 -28.65 11.40 18.95
CA ARG A 127 -28.12 12.70 19.31
C ARG A 127 -28.22 13.78 18.24
N TYR A 128 -28.28 13.38 16.96
CA TYR A 128 -27.99 14.31 15.89
C TYR A 128 -29.20 14.53 15.01
N ASP A 129 -29.41 15.79 14.63
CA ASP A 129 -30.38 16.15 13.60
C ASP A 129 -29.84 15.82 12.23
N VAL A 130 -28.56 16.08 11.99
CA VAL A 130 -27.89 15.72 10.75
C VAL A 130 -26.59 15.07 11.06
N ILE A 131 -26.26 13.98 10.33
CA ILE A 131 -24.94 13.36 10.36
C ILE A 131 -24.39 13.56 8.95
N TRP A 132 -23.27 14.28 8.82
CA TRP A 132 -22.69 14.66 7.55
C TRP A 132 -21.46 13.77 7.34
N ILE A 133 -21.39 13.14 6.18
CA ILE A 133 -20.32 12.15 5.89
C ILE A 133 -19.71 12.53 4.53
N GLN A 134 -18.64 13.30 4.54
CA GLN A 134 -18.10 13.82 3.26
C GLN A 134 -16.64 13.42 3.04
N TRP A 135 -16.41 12.85 1.88
CA TRP A 135 -15.06 12.49 1.45
C TRP A 135 -14.35 11.57 2.46
N VAL A 136 -15.12 10.68 3.10
CA VAL A 136 -14.58 9.67 3.95
C VAL A 136 -15.16 8.27 3.68
N SER A 137 -16.34 8.20 3.06
CA SER A 137 -16.90 6.87 2.83
C SER A 137 -16.01 5.95 1.98
N GLY A 138 -15.24 6.55 1.08
CA GLY A 138 -14.31 5.80 0.27
C GLY A 138 -13.12 5.25 1.00
N HIS A 139 -12.95 5.65 2.26
CA HIS A 139 -11.94 5.10 3.14
C HIS A 139 -12.42 3.91 3.94
N LEU A 140 -13.70 3.53 3.86
CA LEU A 140 -14.19 2.33 4.53
CA LEU A 140 -14.19 2.33 4.53
C LEU A 140 -14.36 1.21 3.53
N THR A 141 -14.14 -0.04 4.00
CA THR A 141 -14.48 -1.18 3.17
C THR A 141 -15.99 -1.24 3.01
N ASP A 142 -16.49 -1.98 2.04
CA ASP A 142 -17.94 -2.11 1.85
C ASP A 142 -18.57 -2.64 3.12
N LYS A 143 -17.99 -3.65 3.77
CA LYS A 143 -18.67 -4.19 4.94
CA LYS A 143 -18.51 -4.24 4.98
C LYS A 143 -18.65 -3.17 6.06
N ASP A 144 -17.57 -2.45 6.21
CA ASP A 144 -17.52 -1.46 7.27
C ASP A 144 -18.41 -0.26 6.99
N LEU A 145 -18.53 0.17 5.74
CA LEU A 145 -19.45 1.27 5.40
C LEU A 145 -20.86 0.88 5.66
N LEU A 146 -21.23 -0.32 5.22
CA LEU A 146 -22.61 -0.80 5.50
C LEU A 146 -22.93 -0.73 6.97
N ALA A 147 -22.04 -1.29 7.77
CA ALA A 147 -22.31 -1.33 9.22
C ALA A 147 -22.31 0.12 9.81
N PHE A 148 -21.37 0.97 9.35
CA PHE A 148 -21.36 2.35 9.87
C PHE A 148 -22.64 3.09 9.53
N LEU A 149 -23.13 2.95 8.31
CA LEU A 149 -24.38 3.60 7.92
C LEU A 149 -25.54 3.14 8.81
N SER A 150 -25.61 1.85 9.11
CA SER A 150 -26.63 1.36 10.00
C SER A 150 -26.52 1.98 11.39
N ARG A 151 -25.32 2.08 11.91
CA ARG A 151 -25.12 2.74 13.20
C ARG A 151 -25.51 4.22 13.15
N CYS A 152 -25.20 4.87 12.02
CA CYS A 152 -25.60 6.26 11.87
C CYS A 152 -27.12 6.45 11.96
N ARG A 153 -27.90 5.48 11.45
CA ARG A 153 -29.33 5.61 11.55
C ARG A 153 -29.76 5.72 13.03
N ASP A 154 -29.09 4.98 13.90
CA ASP A 154 -29.40 4.99 15.31
C ASP A 154 -28.87 6.24 16.04
N GLY A 155 -28.03 7.02 15.35
CA GLY A 155 -27.59 8.32 15.85
C GLY A 155 -28.52 9.46 15.60
N LEU A 156 -29.63 9.22 14.92
CA LEU A 156 -30.52 10.30 14.51
C LEU A 156 -31.65 10.56 15.47
N LYS A 157 -31.86 11.83 15.75
CA LYS A 157 -33.08 12.32 16.39
C LYS A 157 -34.24 12.10 15.46
N GLU A 158 -35.45 12.21 16.04
CA GLU A 158 -36.64 12.15 15.24
C GLU A 158 -36.53 13.16 14.08
N ASN A 159 -36.90 12.71 12.89
CA ASN A 159 -36.80 13.45 11.67
C ASN A 159 -35.40 13.79 11.19
N GLY A 160 -34.39 13.22 11.83
CA GLY A 160 -33.03 13.48 11.42
C GLY A 160 -32.66 12.78 10.16
N ILE A 161 -31.55 13.24 9.56
CA ILE A 161 -31.10 12.68 8.27
C ILE A 161 -29.58 12.58 8.24
N ILE A 162 -29.14 11.68 7.37
CA ILE A 162 -27.74 11.57 7.06
C ILE A 162 -27.51 12.19 5.71
N ILE A 163 -26.49 13.02 5.60
CA ILE A 163 -26.09 13.57 4.30
C ILE A 163 -24.72 12.97 3.94
N LEU A 164 -24.67 12.23 2.83
CA LEU A 164 -23.47 11.61 2.34
C LEU A 164 -23.02 12.37 1.09
N LYS A 165 -21.75 12.79 1.06
CA LYS A 165 -21.21 13.50 -0.10
C LYS A 165 -19.90 12.88 -0.47
N ASP A 166 -19.78 12.38 -1.71
CA ASP A 166 -18.53 11.76 -2.10
C ASP A 166 -18.40 11.65 -3.62
N ASN A 167 -17.23 11.21 -4.01
CA ASN A 167 -16.94 10.89 -5.39
C ASN A 167 -17.69 9.61 -5.79
N VAL A 168 -18.18 9.57 -7.03
CA VAL A 168 -18.91 8.42 -7.58
C VAL A 168 -18.36 8.10 -8.97
N ALA A 169 -17.82 6.89 -9.09
CA ALA A 169 -17.21 6.40 -10.33
C ALA A 169 -18.19 6.04 -11.40
N ARG A 170 -17.76 6.06 -12.66
CA ARG A 170 -18.58 5.57 -13.75
C ARG A 170 -18.87 4.09 -13.59
N GLU A 171 -17.86 3.29 -13.31
CA GLU A 171 -18.10 1.84 -13.23
C GLU A 171 -17.10 1.21 -12.29
N GLY A 172 -17.63 0.30 -11.49
CA GLY A 172 -16.79 -0.50 -10.64
C GLY A 172 -16.46 0.17 -9.33
N CYS A 173 -15.43 -0.38 -8.71
CA CYS A 173 -14.82 0.17 -7.53
C CYS A 173 -13.36 0.28 -7.80
N ILE A 174 -12.82 1.49 -7.67
CA ILE A 174 -11.48 1.80 -8.09
C ILE A 174 -10.59 2.21 -6.91
N LEU A 175 -9.51 1.45 -6.67
CA LEU A 175 -8.60 1.73 -5.58
C LEU A 175 -7.57 2.80 -6.01
N ASP A 176 -7.37 3.75 -5.11
CA ASP A 176 -6.30 4.74 -5.20
C ASP A 176 -5.25 4.33 -4.18
N LEU A 177 -4.13 3.81 -4.66
CA LEU A 177 -3.06 3.40 -3.77
C LEU A 177 -2.36 4.50 -3.05
N SER A 178 -2.48 5.73 -3.55
CA SER A 178 -1.71 6.83 -2.95
CA SER A 178 -1.74 6.86 -2.97
C SER A 178 -2.26 7.21 -1.60
N ASP A 179 -3.59 7.37 -1.52
CA ASP A 179 -4.20 7.68 -0.24
C ASP A 179 -4.96 6.53 0.40
N SER A 180 -4.96 5.37 -0.28
CA SER A 180 -5.61 4.19 0.22
C SER A 180 -7.12 4.44 0.43
N SER A 181 -7.78 4.67 -0.69
CA SER A 181 -9.23 4.90 -0.73
C SER A 181 -9.77 4.24 -1.98
N VAL A 182 -11.09 4.02 -1.99
CA VAL A 182 -11.80 3.52 -3.14
C VAL A 182 -12.83 4.52 -3.60
N THR A 183 -13.09 4.51 -4.90
CA THR A 183 -14.22 5.22 -5.48
C THR A 183 -15.24 4.18 -5.93
N ARG A 184 -16.47 4.26 -5.45
CA ARG A 184 -17.53 3.33 -5.82
C ARG A 184 -18.37 3.89 -6.90
N ASP A 185 -18.90 3.03 -7.76
CA ASP A 185 -19.90 3.45 -8.73
C ASP A 185 -21.26 3.68 -8.10
N MET A 186 -22.18 4.27 -8.82
CA MET A 186 -23.49 4.60 -8.31
C MET A 186 -24.22 3.36 -7.83
N ASP A 187 -24.18 2.29 -8.65
CA ASP A 187 -24.94 1.12 -8.30
C ASP A 187 -24.47 0.52 -7.00
N ILE A 188 -23.15 0.42 -6.85
CA ILE A 188 -22.56 -0.17 -5.63
C ILE A 188 -22.89 0.72 -4.42
N LEU A 189 -22.66 2.04 -4.54
CA LEU A 189 -22.95 2.92 -3.42
C LEU A 189 -24.43 2.87 -3.04
N ARG A 190 -25.35 2.98 -4.00
CA ARG A 190 -26.75 2.90 -3.70
C ARG A 190 -27.11 1.54 -3.07
N SER A 191 -26.45 0.45 -3.50
CA SER A 191 -26.74 -0.86 -2.92
CA SER A 191 -26.72 -0.87 -2.92
C SER A 191 -26.36 -0.91 -1.46
N LEU A 192 -25.20 -0.34 -1.13
CA LEU A 192 -24.79 -0.32 0.26
C LEU A 192 -25.70 0.53 1.13
N ILE A 193 -26.15 1.64 0.58
CA ILE A 193 -27.11 2.46 1.31
C ILE A 193 -28.38 1.61 1.55
N ARG A 194 -28.88 0.91 0.51
CA ARG A 194 -30.08 0.14 0.69
C ARG A 194 -29.87 -0.97 1.68
N LYS A 195 -28.78 -1.70 1.58
CA LYS A 195 -28.56 -2.81 2.47
C LYS A 195 -28.37 -2.40 3.92
N SER A 196 -27.95 -1.15 4.15
CA SER A 196 -27.82 -0.61 5.51
C SER A 196 -29.15 -0.31 6.17
N GLY A 197 -30.21 -0.34 5.39
CA GLY A 197 -31.55 -0.02 5.90
C GLY A 197 -31.98 1.42 5.75
N LEU A 198 -31.17 2.20 5.06
CA LEU A 198 -31.49 3.60 4.74
C LEU A 198 -32.26 3.71 3.39
N VAL A 199 -33.01 4.82 3.29
CA VAL A 199 -33.73 5.19 2.10
C VAL A 199 -33.30 6.58 1.65
N VAL A 200 -33.17 6.78 0.36
CA VAL A 200 -32.78 8.05 -0.20
C VAL A 200 -33.98 9.02 -0.31
N LEU A 201 -33.88 10.13 0.45
N LEU A 201 -33.94 10.11 0.44
CA LEU A 201 -34.84 11.29 0.47
CA LEU A 201 -35.01 11.10 0.40
C LEU A 201 -34.57 12.28 -0.63
C LEU A 201 -34.64 12.08 -0.77
N GLY A 202 -33.35 12.34 -1.05
CA GLY A 202 -32.98 13.24 -2.14
C GLY A 202 -31.56 13.05 -2.52
N GLN A 203 -31.23 13.58 -3.68
CA GLN A 203 -29.90 13.45 -4.25
C GLN A 203 -29.63 14.57 -5.21
N GLU A 204 -28.38 14.95 -5.35
CA GLU A 204 -28.01 15.99 -6.27
C GLU A 204 -26.55 15.85 -6.66
N LYS A 205 -26.24 16.06 -7.94
CA LYS A 205 -24.88 16.01 -8.43
C LYS A 205 -24.25 17.39 -8.20
N GLN A 206 -23.00 17.38 -7.78
CA GLN A 206 -22.18 18.60 -7.62
C GLN A 206 -21.94 19.28 -8.97
N ASP A 207 -22.32 20.53 -9.04
CA ASP A 207 -22.03 21.37 -10.22
C ASP A 207 -20.74 22.17 -10.05
N GLY A 208 -20.25 22.76 -11.13
CA GLY A 208 -19.13 23.64 -11.06
C GLY A 208 -17.78 23.01 -10.86
N PHE A 209 -17.68 21.69 -11.04
CA PHE A 209 -16.37 21.05 -10.93
C PHE A 209 -15.84 20.74 -12.34
N PRO A 210 -14.52 20.59 -12.44
CA PRO A 210 -13.96 20.29 -13.74
C PRO A 210 -14.50 19.04 -14.38
N GLU A 211 -14.59 19.05 -15.68
CA GLU A 211 -15.01 17.84 -16.40
CA GLU A 211 -14.94 17.87 -16.49
C GLU A 211 -14.07 16.67 -16.15
N GLN A 212 -12.79 16.92 -15.88
CA GLN A 212 -11.83 15.85 -15.61
C GLN A 212 -12.02 15.19 -14.24
N CYS A 213 -12.73 15.85 -13.31
CA CYS A 213 -12.89 15.25 -12.00
C CYS A 213 -13.93 14.13 -12.02
N ILE A 214 -13.71 13.16 -11.15
CA ILE A 214 -14.73 12.17 -10.81
C ILE A 214 -15.98 12.93 -10.39
N PRO A 215 -17.15 12.53 -10.86
CA PRO A 215 -18.37 13.16 -10.37
C PRO A 215 -18.51 13.07 -8.85
N VAL A 216 -19.14 14.09 -8.28
CA VAL A 216 -19.42 14.14 -6.84
C VAL A 216 -20.90 14.25 -6.65
N TRP A 217 -21.45 13.49 -5.70
CA TRP A 217 -22.89 13.47 -5.43
C TRP A 217 -23.15 13.68 -3.95
N MET A 218 -24.31 14.27 -3.69
CA MET A 218 -24.91 14.40 -2.37
C MET A 218 -26.14 13.56 -2.28
N PHE A 219 -26.30 12.90 -1.14
CA PHE A 219 -27.48 12.09 -0.86
C PHE A 219 -28.00 12.45 0.51
N ALA A 220 -29.33 12.61 0.63
CA ALA A 220 -30.00 12.77 1.93
C ALA A 220 -30.67 11.43 2.22
N LEU A 221 -30.38 10.87 3.36
CA LEU A 221 -30.77 9.49 3.71
C LEU A 221 -31.46 9.48 5.06
N HIS A 222 -32.39 8.54 5.23
CA HIS A 222 -32.95 8.29 6.59
C HIS A 222 -33.48 6.87 6.73
CA VAL B 5 -10.55 -4.85 -5.02
C VAL B 5 -9.35 -4.39 -4.10
N ILE B 6 -9.39 -4.78 -2.84
CA ILE B 6 -8.34 -4.44 -1.90
C ILE B 6 -7.45 -5.62 -1.48
N ASN B 7 -7.40 -6.63 -2.33
CA ASN B 7 -6.64 -7.81 -2.05
C ASN B 7 -5.20 -7.45 -1.64
N GLY B 8 -4.73 -7.97 -0.52
CA GLY B 8 -3.49 -7.55 0.06
C GLY B 8 -2.27 -7.98 -0.74
N GLU B 9 -2.27 -9.19 -1.29
CA GLU B 9 -1.18 -9.64 -2.18
C GLU B 9 -1.09 -8.74 -3.41
N MET B 10 -2.24 -8.39 -3.98
CA MET B 10 -2.26 -7.54 -5.15
CA MET B 10 -2.30 -7.51 -5.15
C MET B 10 -1.67 -6.17 -4.79
N GLN B 11 -2.07 -5.60 -3.64
CA GLN B 11 -1.55 -4.28 -3.23
C GLN B 11 -0.01 -4.34 -3.05
N PHE B 12 0.46 -5.44 -2.44
CA PHE B 12 1.87 -5.61 -2.13
C PHE B 12 2.72 -5.60 -3.38
N TYR B 13 2.32 -6.41 -4.37
CA TYR B 13 3.05 -6.45 -5.65
C TYR B 13 2.89 -5.14 -6.42
N ALA B 14 1.72 -4.54 -6.39
CA ALA B 14 1.49 -3.32 -7.13
C ALA B 14 2.36 -2.21 -6.63
N ARG B 15 2.47 -2.06 -5.31
CA ARG B 15 3.29 -0.99 -4.74
C ARG B 15 4.75 -1.19 -5.01
N ALA B 16 5.22 -2.45 -5.11
CA ALA B 16 6.62 -2.67 -5.48
C ALA B 16 6.90 -2.23 -6.90
N LYS B 17 5.98 -2.56 -7.83
CA LYS B 17 6.16 -2.11 -9.21
C LYS B 17 6.21 -0.59 -9.28
N LEU B 18 5.34 0.10 -8.53
CA LEU B 18 5.34 1.56 -8.49
CA LEU B 18 5.35 1.55 -8.56
C LEU B 18 6.68 2.11 -8.03
N PHE B 19 7.27 1.44 -7.04
CA PHE B 19 8.60 1.80 -6.54
C PHE B 19 9.67 1.64 -7.62
N TYR B 20 9.73 0.48 -8.26
CA TYR B 20 10.80 0.24 -9.22
C TYR B 20 10.64 1.04 -10.49
N GLN B 21 9.44 1.48 -10.81
CA GLN B 21 9.23 2.40 -11.94
C GLN B 21 10.05 3.70 -11.76
N GLU B 22 10.33 4.10 -10.53
CA GLU B 22 11.09 5.33 -10.30
C GLU B 22 12.54 5.11 -9.96
N VAL B 23 13.00 3.86 -10.01
CA VAL B 23 14.40 3.56 -9.67
C VAL B 23 15.27 3.68 -10.92
N PRO B 24 16.36 4.46 -10.85
CA PRO B 24 17.23 4.54 -12.04
C PRO B 24 17.86 3.19 -12.39
N ALA B 25 17.99 2.92 -13.69
CA ALA B 25 18.62 1.68 -14.20
C ALA B 25 20.14 1.79 -14.14
N THR B 26 20.65 1.91 -12.93
CA THR B 26 22.08 2.15 -12.66
C THR B 26 22.45 1.33 -11.42
N GLU B 27 23.73 1.15 -11.20
CA GLU B 27 24.23 0.46 -10.01
C GLU B 27 23.70 1.16 -8.80
N GLU B 28 23.73 2.49 -8.78
CA GLU B 28 23.20 3.20 -7.59
C GLU B 28 21.72 2.91 -7.38
N GLY B 29 20.93 2.90 -8.44
CA GLY B 29 19.55 2.50 -8.33
C GLY B 29 19.34 1.12 -7.74
N MET B 30 20.14 0.17 -8.17
CA MET B 30 20.04 -1.20 -7.66
C MET B 30 20.37 -1.28 -6.19
N MET B 31 21.28 -0.41 -5.72
CA MET B 31 21.79 -0.43 -4.32
C MET B 31 20.99 0.46 -3.39
N GLY B 32 19.92 1.09 -3.88
CA GLY B 32 19.11 1.92 -3.01
C GLY B 32 19.94 3.03 -2.43
N ASN B 33 19.89 3.18 -1.12
CA ASN B 33 20.63 4.25 -0.47
C ASN B 33 22.09 3.89 -0.14
N PHE B 34 22.56 2.74 -0.65
CA PHE B 34 23.81 2.16 -0.18
C PHE B 34 24.78 1.77 -1.30
N ILE B 35 25.00 2.64 -2.28
CA ILE B 35 25.97 2.32 -3.30
C ILE B 35 27.35 1.98 -2.78
N GLU B 36 27.76 2.59 -1.67
CA GLU B 36 29.09 2.36 -1.10
C GLU B 36 29.25 0.93 -0.60
N LEU B 37 28.13 0.23 -0.43
CA LEU B 37 28.20 -1.14 -0.01
C LEU B 37 28.24 -2.18 -1.17
N SER B 38 28.19 -1.71 -2.41
CA SER B 38 28.27 -2.63 -3.51
C SER B 38 29.57 -3.41 -3.53
N SER B 39 30.68 -2.74 -3.25
CA SER B 39 31.95 -3.40 -3.30
CA SER B 39 31.97 -3.39 -3.31
C SER B 39 32.10 -4.49 -2.22
N PRO B 40 31.83 -4.18 -0.96
CA PRO B 40 31.90 -5.29 0.03
C PRO B 40 30.89 -6.41 -0.22
N ASP B 41 29.72 -6.07 -0.71
CA ASP B 41 28.71 -7.09 -1.11
C ASP B 41 29.33 -8.05 -2.12
N ILE B 42 29.90 -7.47 -3.18
CA ILE B 42 30.43 -8.28 -4.23
C ILE B 42 31.58 -9.16 -3.74
N GLN B 43 32.47 -8.61 -2.92
CA GLN B 43 33.59 -9.40 -2.45
C GLN B 43 33.10 -10.59 -1.63
N ALA B 44 32.13 -10.39 -0.77
CA ALA B 44 31.60 -11.49 0.06
C ALA B 44 30.93 -12.52 -0.85
N SER B 45 30.17 -12.07 -1.86
CA SER B 45 29.51 -13.01 -2.79
C SER B 45 30.51 -13.82 -3.56
N GLN B 46 31.60 -13.18 -4.01
CA GLN B 46 32.63 -13.94 -4.76
C GLN B 46 33.23 -15.01 -3.85
N LYS B 47 33.54 -14.67 -2.60
CA LYS B 47 34.12 -15.64 -1.69
C LYS B 47 33.12 -16.82 -1.44
N PHE B 48 31.86 -16.52 -1.23
CA PHE B 48 30.89 -17.56 -0.95
C PHE B 48 30.70 -18.45 -2.15
N LEU B 49 30.59 -17.86 -3.33
CA LEU B 49 30.41 -18.63 -4.54
C LEU B 49 31.59 -19.59 -4.74
N ARG B 50 32.82 -19.08 -4.52
CA ARG B 50 34.05 -19.86 -4.71
C ARG B 50 33.97 -21.15 -3.91
N LYS B 51 33.40 -21.10 -2.71
CA LYS B 51 33.27 -22.27 -1.84
CA LYS B 51 33.32 -22.24 -1.86
C LYS B 51 32.45 -23.37 -2.44
N PHE B 52 31.43 -23.00 -3.21
CA PHE B 52 30.41 -23.95 -3.65
C PHE B 52 30.41 -24.34 -5.09
N VAL B 53 31.34 -23.74 -5.86
CA VAL B 53 31.44 -24.02 -7.25
C VAL B 53 32.85 -24.45 -7.68
N GLY B 54 32.83 -25.37 -8.64
CA GLY B 54 34.03 -25.75 -9.36
C GLY B 54 34.63 -26.98 -8.76
N GLY B 55 34.82 -28.00 -9.61
CA GLY B 55 35.55 -29.16 -9.20
C GLY B 55 34.74 -30.15 -8.43
N PRO B 56 35.43 -31.20 -7.93
N PRO B 56 35.30 -31.36 -8.20
CA PRO B 56 34.81 -32.21 -7.07
CA PRO B 56 34.44 -32.53 -7.91
C PRO B 56 34.09 -31.67 -5.84
C PRO B 56 33.37 -32.31 -6.83
N GLY B 57 32.90 -32.20 -5.63
N GLY B 57 32.12 -32.62 -7.13
CA GLY B 57 32.10 -31.84 -4.47
CA GLY B 57 31.10 -32.49 -6.08
C GLY B 57 31.43 -30.48 -4.55
C GLY B 57 30.50 -31.10 -5.86
N ARG B 58 31.45 -29.84 -5.71
N ARG B 58 31.32 -30.01 -5.95
CA ARG B 58 30.86 -28.52 -5.93
CA ARG B 58 30.85 -28.59 -5.95
C ARG B 58 29.99 -28.42 -7.21
N ALA B 59 29.25 -27.33 -7.35
CA ALA B 59 28.41 -27.09 -8.53
C ALA B 59 29.30 -26.86 -9.77
N GLY B 60 28.68 -27.03 -10.93
CA GLY B 60 29.32 -26.75 -12.20
C GLY B 60 29.40 -25.28 -12.51
N THR B 61 30.03 -24.95 -13.65
CA THR B 61 30.29 -23.56 -14.04
C THR B 61 29.84 -23.25 -15.45
N ASP B 62 28.84 -24.00 -15.96
CA ASP B 62 28.32 -23.79 -17.30
CA ASP B 62 28.33 -23.75 -17.29
C ASP B 62 27.25 -22.70 -17.35
N CYS B 63 26.32 -22.69 -16.40
CA CYS B 63 25.15 -21.83 -16.57
C CYS B 63 24.61 -21.35 -15.24
N ALA B 64 24.35 -20.08 -15.15
CA ALA B 64 23.74 -19.50 -13.94
C ALA B 64 22.54 -18.62 -14.33
N LEU B 65 21.59 -18.54 -13.38
CA LEU B 65 20.42 -17.67 -13.47
C LEU B 65 20.51 -16.58 -12.39
N ASP B 66 20.32 -15.33 -12.79
CA ASP B 66 20.35 -14.19 -11.88
C ASP B 66 18.92 -13.72 -11.70
N CYS B 67 18.34 -13.99 -10.50
CA CYS B 67 16.91 -13.76 -10.24
C CYS B 67 16.68 -12.43 -9.57
N GLY B 68 15.69 -11.69 -10.04
CA GLY B 68 15.59 -10.29 -9.56
C GLY B 68 16.84 -9.53 -9.99
N SER B 69 17.30 -9.76 -11.21
CA SER B 69 18.59 -9.30 -11.65
C SER B 69 18.78 -7.80 -11.65
N GLY B 70 17.69 -7.06 -11.80
CA GLY B 70 17.82 -5.66 -12.17
C GLY B 70 18.63 -5.57 -13.44
N ILE B 71 19.53 -4.59 -13.50
CA ILE B 71 20.38 -4.40 -14.66
C ILE B 71 21.50 -5.43 -14.77
N GLY B 72 21.66 -6.29 -13.77
CA GLY B 72 22.64 -7.34 -13.84
C GLY B 72 23.93 -7.08 -13.06
N ARG B 73 23.85 -6.30 -11.97
CA ARG B 73 25.02 -6.02 -11.13
C ARG B 73 25.70 -7.35 -10.68
N VAL B 74 24.91 -8.30 -10.20
CA VAL B 74 25.49 -9.55 -9.76
C VAL B 74 26.01 -10.34 -10.92
N SER B 75 25.28 -10.34 -12.05
CA SER B 75 25.81 -11.00 -13.24
C SER B 75 27.14 -10.43 -13.70
N LYS B 76 27.31 -9.10 -13.70
CA LYS B 76 28.55 -8.52 -14.14
C LYS B 76 29.69 -8.91 -13.20
N HIS B 77 29.47 -8.72 -11.90
CA HIS B 77 30.57 -8.73 -10.93
C HIS B 77 30.85 -10.07 -10.31
N VAL B 78 29.84 -10.97 -10.33
CA VAL B 78 29.94 -12.24 -9.60
C VAL B 78 29.79 -13.39 -10.55
N LEU B 79 28.78 -13.38 -11.40
CA LEU B 79 28.45 -14.57 -12.21
C LEU B 79 29.25 -14.70 -13.51
N LEU B 80 29.20 -13.66 -14.35
CA LEU B 80 29.89 -13.72 -15.63
C LEU B 80 31.40 -13.98 -15.54
N PRO B 81 32.10 -13.61 -14.43
CA PRO B 81 33.52 -13.98 -14.31
C PRO B 81 33.75 -15.48 -14.14
N VAL B 82 32.69 -16.21 -13.83
CA VAL B 82 32.80 -17.59 -13.41
C VAL B 82 32.12 -18.53 -14.40
N PHE B 83 30.90 -18.17 -14.84
CA PHE B 83 30.07 -19.08 -15.63
C PHE B 83 30.18 -18.85 -17.15
N ASN B 84 30.04 -19.91 -17.93
CA ASN B 84 30.07 -19.86 -19.41
C ASN B 84 28.89 -19.14 -20.03
N SER B 85 27.76 -19.21 -19.37
CA SER B 85 26.50 -18.60 -19.78
C SER B 85 25.74 -18.13 -18.56
N VAL B 86 25.10 -16.96 -18.68
CA VAL B 86 24.20 -16.48 -17.64
C VAL B 86 22.85 -16.07 -18.29
N GLU B 87 21.81 -16.18 -17.52
CA GLU B 87 20.50 -15.68 -17.89
C GLU B 87 19.97 -14.79 -16.73
N LEU B 88 19.19 -13.82 -17.10
CA LEU B 88 18.60 -12.84 -16.17
C LEU B 88 17.12 -12.99 -16.09
N VAL B 89 16.52 -12.81 -14.91
CA VAL B 89 15.09 -12.73 -14.83
C VAL B 89 14.74 -11.57 -13.91
N ASP B 90 13.84 -10.70 -14.37
CA ASP B 90 13.41 -9.57 -13.58
C ASP B 90 12.03 -9.19 -14.09
N MET B 91 11.27 -8.54 -13.23
CA MET B 91 9.93 -8.02 -13.68
C MET B 91 9.99 -6.76 -14.51
N MET B 92 11.10 -6.03 -14.41
CA MET B 92 11.15 -4.71 -15.08
C MET B 92 11.82 -4.77 -16.44
N GLU B 93 11.03 -4.56 -17.50
CA GLU B 93 11.61 -4.51 -18.82
CA GLU B 93 11.56 -4.45 -18.86
C GLU B 93 12.65 -3.40 -18.94
N SER B 94 12.46 -2.28 -18.22
CA SER B 94 13.39 -1.13 -18.26
C SER B 94 14.82 -1.61 -17.84
N PHE B 95 14.88 -2.41 -16.78
CA PHE B 95 16.18 -2.84 -16.26
C PHE B 95 16.78 -3.84 -17.18
N LEU B 96 15.95 -4.75 -17.71
CA LEU B 96 16.48 -5.78 -18.62
C LEU B 96 16.99 -5.19 -19.94
N LEU B 97 16.33 -4.14 -20.43
CA LEU B 97 16.81 -3.44 -21.62
C LEU B 97 18.17 -2.76 -21.32
N GLU B 98 18.30 -2.08 -20.17
CA GLU B 98 19.56 -1.51 -19.81
C GLU B 98 20.64 -2.58 -19.62
N ALA B 99 20.27 -3.74 -19.06
CA ALA B 99 21.24 -4.81 -18.84
C ALA B 99 22.01 -5.14 -20.10
N GLN B 100 21.35 -5.08 -21.25
CA GLN B 100 22.05 -5.41 -22.50
C GLN B 100 23.24 -4.48 -22.77
N ASN B 101 23.12 -3.23 -22.36
CA ASN B 101 24.20 -2.29 -22.47
C ASN B 101 25.16 -2.44 -21.32
N TYR B 102 24.67 -2.58 -20.07
CA TYR B 102 25.54 -2.73 -18.92
C TYR B 102 26.45 -3.91 -19.00
N LEU B 103 25.94 -4.98 -19.64
CA LEU B 103 26.66 -6.25 -19.73
C LEU B 103 27.33 -6.45 -21.09
N GLN B 104 27.47 -5.39 -21.87
CA GLN B 104 27.98 -5.50 -23.23
C GLN B 104 29.31 -6.21 -23.33
N VAL B 105 30.25 -5.94 -22.43
CA VAL B 105 31.62 -6.56 -22.57
C VAL B 105 31.52 -8.08 -22.64
N LYS B 106 30.63 -8.67 -21.83
CA LYS B 106 30.42 -10.09 -21.89
C LYS B 106 29.04 -10.47 -22.41
N GLY B 107 28.47 -9.69 -23.32
CA GLY B 107 27.06 -9.79 -23.66
C GLY B 107 26.68 -11.02 -24.47
N ASP B 108 27.65 -11.59 -25.16
CA ASP B 108 27.29 -12.75 -25.97
C ASP B 108 27.24 -14.01 -25.04
N LYS B 109 27.64 -13.88 -23.77
CA LYS B 109 27.51 -14.92 -22.76
C LYS B 109 26.19 -14.86 -22.00
N VAL B 110 25.41 -13.81 -22.25
CA VAL B 110 24.08 -13.64 -21.68
C VAL B 110 23.04 -14.24 -22.62
N GLU B 111 22.50 -15.42 -22.27
CA GLU B 111 21.73 -16.20 -23.23
C GLU B 111 20.27 -15.75 -23.36
N SER B 112 19.75 -15.18 -22.29
CA SER B 112 18.32 -14.86 -22.19
C SER B 112 18.13 -13.72 -21.16
N TYR B 113 17.19 -12.86 -21.45
CA TYR B 113 16.68 -11.83 -20.53
C TYR B 113 15.20 -12.07 -20.38
N HIS B 114 14.82 -12.67 -19.27
CA HIS B 114 13.44 -13.15 -19.03
C HIS B 114 12.68 -12.07 -18.25
N CYS B 115 11.60 -11.53 -18.81
CA CYS B 115 10.82 -10.48 -18.15
C CYS B 115 9.62 -11.15 -17.52
N TYR B 116 9.76 -11.52 -16.26
CA TYR B 116 8.72 -12.12 -15.45
C TYR B 116 8.84 -11.63 -14.04
N SER B 117 7.68 -11.56 -13.38
CA SER B 117 7.70 -11.57 -11.89
C SER B 117 8.02 -13.01 -11.42
N LEU B 118 8.83 -13.12 -10.38
CA LEU B 118 9.32 -14.43 -9.95
C LEU B 118 8.17 -15.36 -9.55
N GLN B 119 7.10 -14.81 -8.96
CA GLN B 119 5.97 -15.61 -8.54
C GLN B 119 5.21 -16.16 -9.75
N GLU B 120 5.53 -15.69 -10.97
CA GLU B 120 4.96 -16.22 -12.19
C GLU B 120 6.00 -16.90 -13.05
N PHE B 121 7.18 -17.17 -12.51
CA PHE B 121 8.27 -17.74 -13.30
C PHE B 121 8.63 -19.13 -12.86
N THR B 122 8.83 -19.99 -13.87
CA THR B 122 9.33 -21.39 -13.68
C THR B 122 10.72 -21.47 -14.29
N PRO B 123 11.76 -21.56 -13.44
CA PRO B 123 13.11 -21.75 -14.04
C PRO B 123 13.17 -22.99 -14.92
N PRO B 124 13.69 -22.85 -16.15
CA PRO B 124 13.82 -24.01 -17.00
C PRO B 124 14.40 -25.24 -16.31
N PHE B 125 13.72 -26.35 -16.54
CA PHE B 125 14.04 -27.62 -15.88
C PHE B 125 15.49 -28.02 -16.05
N ARG B 126 16.17 -28.25 -14.95
CA ARG B 126 17.52 -28.77 -14.89
C ARG B 126 18.47 -28.05 -15.84
N ARG B 127 18.35 -26.73 -15.92
CA ARG B 127 19.19 -25.93 -16.78
C ARG B 127 20.40 -25.27 -16.09
N TYR B 128 20.32 -25.03 -14.77
CA TYR B 128 21.28 -24.13 -14.12
C TYR B 128 22.17 -24.87 -13.13
N ASP B 129 23.46 -24.54 -13.18
CA ASP B 129 24.39 -24.93 -12.13
C ASP B 129 24.22 -24.10 -10.85
N VAL B 130 23.96 -22.81 -10.99
CA VAL B 130 23.68 -21.89 -9.87
C VAL B 130 22.49 -21.04 -10.24
N ILE B 131 21.56 -20.92 -9.30
CA ILE B 131 20.47 -19.97 -9.35
C ILE B 131 20.70 -18.99 -8.22
N TRP B 132 20.92 -17.72 -8.54
CA TRP B 132 21.28 -16.69 -7.57
C TRP B 132 20.06 -15.82 -7.35
N ILE B 133 19.69 -15.60 -6.07
CA ILE B 133 18.47 -14.88 -5.70
C ILE B 133 18.85 -13.83 -4.68
N GLN B 134 19.13 -12.59 -5.13
CA GLN B 134 19.66 -11.60 -4.23
C GLN B 134 18.78 -10.35 -4.14
N TRP B 135 18.40 -9.99 -2.90
CA TRP B 135 17.66 -8.77 -2.61
C TRP B 135 16.36 -8.71 -3.40
N VAL B 136 15.76 -9.88 -3.58
CA VAL B 136 14.44 -9.93 -4.16
C VAL B 136 13.47 -10.84 -3.37
N SER B 137 13.99 -11.75 -2.53
CA SER B 137 13.09 -12.67 -1.82
C SER B 137 12.10 -11.92 -0.91
N GLY B 138 12.56 -10.79 -0.36
CA GLY B 138 11.64 -9.98 0.48
C GLY B 138 10.50 -9.29 -0.28
N HIS B 139 10.55 -9.36 -1.61
CA HIS B 139 9.45 -8.91 -2.40
C HIS B 139 8.41 -9.95 -2.77
N LEU B 140 8.63 -11.20 -2.38
N LEU B 140 8.65 -11.22 -2.44
CA LEU B 140 7.64 -12.23 -2.59
CA LEU B 140 7.63 -12.23 -2.64
C LEU B 140 6.89 -12.47 -1.29
C LEU B 140 6.90 -12.50 -1.31
N THR B 141 5.62 -12.85 -1.41
CA THR B 141 4.87 -13.25 -0.23
C THR B 141 5.48 -14.54 0.27
N ASP B 142 5.17 -14.94 1.50
CA ASP B 142 5.69 -16.20 2.06
C ASP B 142 5.31 -17.35 1.17
N LYS B 143 4.04 -17.47 0.78
CA LYS B 143 3.66 -18.59 -0.05
C LYS B 143 4.29 -18.59 -1.43
N ASP B 144 4.43 -17.40 -2.00
CA ASP B 144 5.01 -17.31 -3.33
C ASP B 144 6.50 -17.63 -3.28
N LEU B 145 7.18 -17.23 -2.19
CA LEU B 145 8.60 -17.55 -2.07
C LEU B 145 8.82 -19.02 -1.91
N LEU B 146 8.01 -19.66 -1.07
CA LEU B 146 8.03 -21.11 -0.86
C LEU B 146 7.91 -21.84 -2.20
N ALA B 147 6.88 -21.45 -2.97
CA ALA B 147 6.62 -22.11 -4.26
C ALA B 147 7.76 -21.80 -5.26
N PHE B 148 8.26 -20.58 -5.29
CA PHE B 148 9.35 -20.24 -6.17
C PHE B 148 10.59 -21.02 -5.85
N LEU B 149 10.92 -21.18 -4.56
CA LEU B 149 12.08 -22.00 -4.18
C LEU B 149 11.95 -23.44 -4.62
N SER B 150 10.74 -23.99 -4.49
CA SER B 150 10.52 -25.35 -4.97
CA SER B 150 10.52 -25.35 -4.97
C SER B 150 10.76 -25.47 -6.49
N ARG B 151 10.27 -24.49 -7.25
CA ARG B 151 10.49 -24.49 -8.69
C ARG B 151 11.97 -24.33 -9.02
N CYS B 152 12.66 -23.53 -8.22
CA CYS B 152 14.10 -23.37 -8.43
C CYS B 152 14.84 -24.71 -8.23
N ARG B 153 14.41 -25.52 -7.25
CA ARG B 153 15.09 -26.81 -7.06
C ARG B 153 15.04 -27.65 -8.34
N ASP B 154 13.91 -27.60 -9.05
CA ASP B 154 13.78 -28.36 -10.33
C ASP B 154 14.53 -27.69 -11.50
N GLY B 155 14.98 -26.45 -11.29
CA GLY B 155 15.78 -25.77 -12.28
C GLY B 155 17.27 -26.13 -12.20
N LEU B 156 17.65 -26.96 -11.22
CA LEU B 156 19.07 -27.27 -11.02
C LEU B 156 19.56 -28.48 -11.79
N LYS B 157 20.72 -28.31 -12.43
CA LYS B 157 21.49 -29.42 -12.99
C LYS B 157 21.96 -30.29 -11.80
N GLU B 158 22.46 -31.46 -12.11
CA GLU B 158 23.15 -32.26 -11.13
C GLU B 158 24.24 -31.49 -10.42
N ASN B 159 24.27 -31.60 -9.09
CA ASN B 159 25.18 -30.86 -8.19
C ASN B 159 24.97 -29.36 -8.14
N GLY B 160 23.92 -28.90 -8.79
CA GLY B 160 23.61 -27.48 -8.77
C GLY B 160 23.15 -26.98 -7.43
N ILE B 161 23.21 -25.66 -7.24
CA ILE B 161 22.80 -25.05 -6.02
C ILE B 161 22.08 -23.74 -6.28
N ILE B 162 21.26 -23.38 -5.31
CA ILE B 162 20.65 -22.03 -5.22
C ILE B 162 21.43 -21.25 -4.16
N ILE B 163 21.77 -20.01 -4.52
CA ILE B 163 22.37 -19.10 -3.55
C ILE B 163 21.40 -17.96 -3.34
N LEU B 164 20.91 -17.88 -2.10
CA LEU B 164 19.98 -16.84 -1.68
C LEU B 164 20.74 -15.84 -0.81
N LYS B 165 20.67 -14.55 -1.17
CA LYS B 165 21.36 -13.51 -0.40
C LYS B 165 20.37 -12.44 -0.10
N ASP B 166 20.19 -12.09 1.18
CA ASP B 166 19.20 -11.09 1.50
C ASP B 166 19.46 -10.53 2.87
N ASN B 167 18.72 -9.48 3.19
CA ASN B 167 18.64 -8.95 4.57
C ASN B 167 17.86 -9.94 5.46
N VAL B 168 18.35 -10.13 6.68
CA VAL B 168 17.74 -11.10 7.59
C VAL B 168 17.65 -10.41 8.94
N ALA B 169 16.43 -10.18 9.39
CA ALA B 169 16.20 -9.52 10.71
C ALA B 169 16.68 -10.46 11.83
N ARG B 170 17.13 -9.91 12.96
CA ARG B 170 17.55 -10.75 14.13
C ARG B 170 16.35 -11.47 14.72
N GLU B 171 15.24 -10.79 14.84
CA GLU B 171 14.03 -11.40 15.37
C GLU B 171 12.85 -10.65 14.86
N GLY B 172 11.92 -11.40 14.31
CA GLY B 172 10.70 -10.89 13.85
C GLY B 172 10.86 -10.25 12.53
N CYS B 173 9.80 -10.37 11.72
CA CYS B 173 9.72 -9.79 10.38
C CYS B 173 9.42 -8.31 10.45
N ILE B 174 9.86 -7.58 9.41
CA ILE B 174 9.81 -6.13 9.40
C ILE B 174 9.34 -5.68 8.01
N LEU B 175 8.19 -4.99 7.90
CA LEU B 175 7.68 -4.46 6.60
CA LEU B 175 7.74 -4.46 6.61
C LEU B 175 8.42 -3.14 6.28
N ASP B 176 8.82 -2.98 5.01
CA ASP B 176 9.33 -1.69 4.51
C ASP B 176 8.22 -1.15 3.63
N LEU B 177 7.61 -0.08 4.10
CA LEU B 177 6.45 0.45 3.40
C LEU B 177 6.84 1.23 2.17
N SER B 178 8.06 1.71 2.10
CA SER B 178 8.46 2.54 0.97
CA SER B 178 8.47 2.54 0.98
C SER B 178 8.61 1.72 -0.30
N ASP B 179 9.26 0.57 -0.21
CA ASP B 179 9.43 -0.23 -1.41
C ASP B 179 8.56 -1.49 -1.52
N SER B 180 7.70 -1.69 -0.53
CA SER B 180 6.77 -2.80 -0.50
C SER B 180 7.51 -4.15 -0.46
N SER B 181 8.25 -4.34 0.62
CA SER B 181 8.99 -5.57 0.86
C SER B 181 8.92 -5.91 2.32
N VAL B 182 9.38 -7.11 2.65
CA VAL B 182 9.51 -7.55 4.03
CA VAL B 182 9.49 -7.59 4.02
C VAL B 182 10.91 -8.03 4.25
N THR B 183 11.41 -7.86 5.45
CA THR B 183 12.60 -8.51 5.93
C THR B 183 12.18 -9.63 6.90
N ARG B 184 12.60 -10.83 6.59
CA ARG B 184 12.28 -12.00 7.43
C ARG B 184 13.45 -12.25 8.35
N ASP B 185 13.17 -12.81 9.54
CA ASP B 185 14.23 -13.27 10.41
C ASP B 185 14.74 -14.65 9.95
N MET B 186 15.81 -15.16 10.58
CA MET B 186 16.41 -16.39 10.12
C MET B 186 15.51 -17.60 10.36
N ASP B 187 14.79 -17.60 11.47
CA ASP B 187 13.89 -18.71 11.73
C ASP B 187 12.78 -18.81 10.69
N ILE B 188 12.19 -17.68 10.32
CA ILE B 188 11.14 -17.66 9.33
C ILE B 188 11.72 -18.03 7.97
N LEU B 189 12.84 -17.42 7.57
CA LEU B 189 13.42 -17.73 6.26
C LEU B 189 13.83 -19.19 6.17
N ARG B 190 14.49 -19.72 7.19
CA ARG B 190 14.87 -21.13 7.15
C ARG B 190 13.64 -22.04 7.15
N SER B 191 12.56 -21.62 7.78
CA SER B 191 11.32 -22.40 7.73
C SER B 191 10.73 -22.49 6.36
N LEU B 192 10.79 -21.37 5.60
CA LEU B 192 10.29 -21.38 4.23
C LEU B 192 11.18 -22.23 3.34
N ILE B 193 12.50 -22.13 3.57
CA ILE B 193 13.44 -22.98 2.82
C ILE B 193 13.09 -24.44 3.05
N ARG B 194 12.93 -24.81 4.32
CA ARG B 194 12.60 -26.17 4.66
C ARG B 194 11.30 -26.63 4.01
N LYS B 195 10.27 -25.81 4.13
CA LYS B 195 8.92 -26.14 3.59
C LYS B 195 9.00 -26.32 2.07
N SER B 196 9.90 -25.60 1.41
CA SER B 196 10.04 -25.71 -0.06
C SER B 196 10.69 -26.99 -0.51
N GLY B 197 11.27 -27.76 0.42
CA GLY B 197 11.97 -29.03 0.10
C GLY B 197 13.47 -28.87 -0.06
N LEU B 198 13.98 -27.71 0.27
CA LEU B 198 15.45 -27.45 0.16
C LEU B 198 16.12 -27.71 1.51
N VAL B 199 17.43 -27.92 1.45
CA VAL B 199 18.28 -28.05 2.63
C VAL B 199 19.40 -27.02 2.50
N VAL B 200 19.81 -26.50 3.63
CA VAL B 200 20.83 -25.52 3.71
C VAL B 200 22.20 -26.19 3.81
N LEU B 201 22.98 -26.09 2.70
CA LEU B 201 24.35 -26.58 2.67
CA LEU B 201 24.30 -26.64 2.67
C LEU B 201 25.29 -25.72 3.44
N GLY B 202 25.08 -24.43 3.37
CA GLY B 202 25.95 -23.50 4.07
C GLY B 202 25.26 -22.17 4.21
N GLN B 203 25.67 -21.40 5.21
CA GLN B 203 25.12 -20.08 5.46
C GLN B 203 26.16 -19.22 6.12
N GLU B 204 26.33 -18.01 5.59
CA GLU B 204 27.37 -17.13 6.08
C GLU B 204 26.95 -15.68 6.09
N LYS B 205 27.47 -14.92 7.03
CA LYS B 205 27.10 -13.49 7.24
C LYS B 205 27.96 -12.61 6.37
N GLN B 206 27.36 -11.58 5.78
CA GLN B 206 28.05 -10.54 5.05
C GLN B 206 28.93 -9.74 6.01
N ASP B 207 30.22 -9.59 5.64
CA ASP B 207 31.16 -8.80 6.42
C ASP B 207 31.18 -7.35 5.90
N GLY B 208 31.76 -6.46 6.67
CA GLY B 208 32.09 -5.11 6.24
C GLY B 208 30.96 -4.14 5.99
N PHE B 209 29.79 -4.44 6.54
CA PHE B 209 28.67 -3.56 6.51
C PHE B 209 28.60 -2.73 7.76
N PRO B 210 27.89 -1.59 7.69
CA PRO B 210 27.72 -0.71 8.82
C PRO B 210 26.95 -1.41 9.91
N GLU B 211 27.28 -1.06 11.16
CA GLU B 211 26.57 -1.55 12.31
CA GLU B 211 26.56 -1.70 12.24
C GLU B 211 25.06 -1.34 12.20
N GLN B 212 24.68 -0.22 11.59
CA GLN B 212 23.29 0.20 11.55
C GLN B 212 22.47 -0.56 10.54
N CYS B 213 23.14 -1.29 9.62
CA CYS B 213 22.41 -2.05 8.61
C CYS B 213 21.86 -3.38 9.20
N ILE B 214 20.68 -3.76 8.70
CA ILE B 214 20.17 -5.08 8.95
C ILE B 214 21.25 -6.12 8.50
N PRO B 215 21.43 -7.19 9.28
CA PRO B 215 22.33 -8.27 8.81
C PRO B 215 21.99 -8.78 7.44
N VAL B 216 23.01 -9.15 6.68
CA VAL B 216 22.83 -9.76 5.39
C VAL B 216 23.48 -11.15 5.45
N TRP B 217 22.75 -12.16 4.95
CA TRP B 217 23.24 -13.53 4.97
C TRP B 217 23.14 -14.12 3.58
N MET B 218 24.03 -15.07 3.33
CA MET B 218 24.04 -15.93 2.16
C MET B 218 23.76 -17.35 2.54
N PHE B 219 22.91 -18.00 1.74
CA PHE B 219 22.51 -19.36 1.98
C PHE B 219 22.75 -20.14 0.72
N ALA B 220 23.44 -21.27 0.81
CA ALA B 220 23.61 -22.23 -0.30
C ALA B 220 22.63 -23.36 -0.06
N LEU B 221 21.75 -23.60 -1.04
CA LEU B 221 20.62 -24.52 -0.86
C LEU B 221 20.60 -25.55 -1.96
N HIS B 222 20.12 -26.76 -1.67
CA HIS B 222 19.86 -27.69 -2.74
C HIS B 222 18.79 -28.69 -2.30
O 5JP C 1 -11.65 13.53 -3.29
C 5JP C 1 -11.49 14.71 -2.94
CA 5JP C 1 -10.91 15.06 -1.58
CB 5JP C 1 -9.45 15.50 -1.73
OG 5JP C 1 -8.66 14.48 -2.29
N 5JP C 1 -11.03 13.91 -0.74
CN 5JP C 1 -10.50 14.08 0.62
N PRO C 2 -11.68 15.72 -3.78
CA PRO C 2 -11.94 15.42 -5.19
C PRO C 2 -10.80 14.64 -5.81
N LYS C 3 -11.10 14.01 -6.93
CA LYS C 3 -10.10 13.21 -7.67
C LYS C 3 -10.29 13.42 -9.17
N ARG C 4 -9.21 13.24 -9.91
CA ARG C 4 -9.33 13.12 -11.36
C ARG C 4 -9.50 11.69 -11.73
N ILE C 5 -10.14 11.52 -12.87
CA ILE C 5 -10.67 10.26 -13.34
O 5JP D 1 18.44 -3.98 0.84
C 5JP D 1 19.37 -3.53 0.15
CA 5JP D 1 19.17 -3.35 -1.35
CB 5JP D 1 18.97 -1.85 -1.64
OG 5JP D 1 17.81 -1.34 -1.01
N 5JP D 1 18.01 -4.09 -1.75
CN 5JP D 1 17.62 -3.97 -3.17
N PRO D 2 20.53 -3.11 0.66
CA PRO D 2 20.64 -3.06 2.12
C PRO D 2 19.65 -2.16 2.74
N LYS D 3 19.45 -2.30 4.05
CA LYS D 3 18.48 -1.48 4.76
C LYS D 3 19.04 -1.17 6.14
N ARG D 4 18.67 -0.02 6.67
CA ARG D 4 18.95 0.34 8.07
C ARG D 4 17.87 -0.16 8.99
N ILE D 5 18.28 -0.45 10.23
CA ILE D 5 17.40 -0.93 11.29
N SAH E . -14.54 15.73 5.23
N SAH E . -14.82 15.95 5.60
CA SAH E . -13.47 16.76 5.42
CA SAH E . -13.53 16.53 5.23
CB SAH E . -12.05 16.14 5.36
CB SAH E . -12.69 15.42 4.61
CG SAH E . -11.73 15.40 4.03
CG SAH E . -11.22 15.76 4.91
SD SAH E . -10.14 14.55 4.07
SD SAH E . -10.12 14.60 4.12
C SAH E . -13.68 17.83 4.38
C SAH E . -13.68 17.69 4.29
O SAH E . -12.95 18.87 4.39
O SAH E . -13.01 18.74 4.48
OXT SAH E . -14.61 17.64 3.53
OXT SAH E . -14.47 17.57 3.32
C5' SAH E . -10.56 12.94 4.71
C5' SAH E . -10.59 13.00 4.70
C4' SAH E . -10.72 12.84 6.20
O4' SAH E . -11.10 11.50 6.50
C3' SAH E . -9.39 13.09 6.97
O3' SAH E . -9.57 14.03 8.02
C2' SAH E . -9.02 11.71 7.50
O2' SAH E . -8.23 11.68 8.70
C1' SAH E . -10.38 11.08 7.69
N9 SAH E . -10.40 9.61 7.68
C8 SAH E . -9.93 8.80 6.67
N7 SAH E . -10.18 7.52 6.93
C5 SAH E . -10.87 7.49 8.11
C6 SAH E . -11.46 6.48 8.93
N6 SAH E . -11.33 5.19 8.60
N1 SAH E . -12.09 6.86 10.04
C2 SAH E . -12.14 8.16 10.42
N3 SAH E . -11.62 9.20 9.72
C4 SAH E . -11.00 8.84 8.60
C1 GOL F . -19.33 30.17 0.64
C1 GOL F . -19.51 30.22 0.29
O1 GOL F . -20.56 30.00 -0.03
O1 GOL F . -19.21 31.61 0.67
C2 GOL F . -18.18 29.64 -0.21
C2 GOL F . -18.24 29.49 -0.19
O2 GOL F . -17.95 30.40 -1.39
O2 GOL F . -18.08 29.77 -1.57
C3 GOL F . -16.98 29.74 0.67
O3 GOL F . -15.87 29.16 0.02
C1 GOL G . -10.59 10.08 -1.21
C1 GOL G . -10.56 10.20 -1.20
O1 GOL G . -10.93 10.54 -2.52
O1 GOL G . -9.87 11.47 -1.24
C2 GOL G . -11.72 10.25 -0.21
O2 GOL G . -12.30 11.50 -0.21
C3 GOL G . -12.77 9.16 -0.45
O3 GOL G . -14.01 9.11 0.23
UNK UNX H . -32.63 17.36 -3.78
UNK UNX I . -6.60 -9.39 1.27
UNK UNX J . -19.79 16.31 -10.12
UNK UNX K . -18.09 4.69 19.60
UNK UNX L . -8.93 3.74 4.09
UNK UNX M . -16.67 16.17 -13.22
UNK UNX N . -4.98 26.13 3.26
UNK UNX O . -6.90 1.77 11.97
UNK UNX P . -17.35 -2.70 10.92
UNK UNX Q . -21.35 29.24 -7.75
UNK UNX R . -15.83 -5.29 2.43
UNK UNX S . -4.57 22.96 -6.59
UNK UNX T . -18.20 10.34 2.49
UNK UNX U . -15.12 11.09 22.41
UNK UNX V . -26.84 9.58 23.17
UNK UNX W . -14.02 -5.03 6.07
UNK UNX X . -10.38 14.23 21.39
UNK UNX Y . -5.56 13.66 -6.25
UNK UNX Z . -0.04 20.95 9.40
UNK UNX AA . -34.96 -0.85 0.95
UNK UNX BA . -37.03 21.52 11.22
UNK UNX CA . -30.18 26.44 14.66
UNK UNX DA . -9.39 18.14 19.85
UNK UNX EA . -21.98 5.26 -11.74
UNK UNX FA . -30.23 26.38 6.10
UNK UNX GA . -16.02 28.48 13.15
UNK UNX HA . -26.52 21.29 -4.45
UNK UNX IA . 0.92 -1.91 3.11
UNK UNX JA . 0.30 6.01 2.67
UNK UNX KA . 1.26 3.84 -1.46
UNK UNX LA . -34.13 3.71 6.64
UNK UNX MA . -35.30 10.17 10.47
UNK UNX NA . -9.47 23.09 -10.99
UNK UNX OA . -1.57 14.63 10.37
N SAH PA . 19.81 -8.77 -7.67
N SAH PA . 19.48 -8.24 -7.32
CA SAH PA . 19.85 -7.29 -7.76
CA SAH PA . 20.03 -7.03 -7.96
CB SAH PA . 18.62 -6.67 -7.03
CB SAH PA . 18.96 -5.95 -8.00
CG SAH PA . 18.23 -5.31 -7.62
CG SAH PA . 18.50 -5.46 -6.58
SD SAH PA . 16.99 -4.43 -6.68
SD SAH PA . 17.02 -4.42 -6.66
C SAH PA . 21.15 -6.77 -7.21
C SAH PA . 21.22 -6.46 -7.22
O SAH PA . 21.65 -7.39 -6.26
O SAH PA . 21.52 -6.86 -6.08
OXT SAH PA . 21.76 -5.81 -7.77
OXT SAH PA . 21.89 -5.56 -7.81
C5' SAH PA . 15.59 -5.54 -6.62
C5' SAH PA . 15.64 -5.55 -6.63
C4' SAH PA . 15.24 -6.12 -8.02
O4' SAH PA . 14.13 -7.03 -7.80
C3' SAH PA . 14.76 -5.09 -9.01
O3' SAH PA . 15.43 -5.22 -10.28
C2' SAH PA . 13.26 -5.36 -9.12
O2' SAH PA . 12.68 -4.99 -10.37
C1' SAH PA . 13.19 -6.84 -8.88
N9 SAH PA . 11.88 -7.33 -8.41
C8 SAH PA . 11.22 -6.88 -7.30
N7 SAH PA . 10.14 -7.62 -7.10
C5 SAH PA . 10.14 -8.59 -8.06
C6 SAH PA . 9.27 -9.68 -8.41
N6 SAH PA . 8.12 -9.96 -7.72
N1 SAH PA . 9.61 -10.46 -9.47
C2 SAH PA . 10.72 -10.18 -10.20
N3 SAH PA . 11.56 -9.17 -9.97
C4 SAH PA . 11.29 -8.39 -8.90
C1 GOL QA . 13.97 -7.31 -0.59
O1 GOL QA . 14.51 -8.63 -0.66
C2 GOL QA . 14.91 -6.16 -0.48
O2 GOL QA . 16.17 -6.36 -1.03
C3 GOL QA . 14.37 -4.85 -0.99
O3 GOL QA . 15.33 -3.76 -0.88
UNK UNX RA . 16.77 -12.58 -2.36
UNK UNX SA . 9.68 -27.12 -13.14
UNK UNX TA . 17.83 -6.57 12.58
UNK UNX UA . 29.85 -7.64 -18.50
UNK UNX VA . 31.75 -15.70 -18.93
UNK UNX WA . 24.31 6.59 -0.50
UNK UNX XA . 23.50 -9.61 -24.29
UNK UNX YA . 27.42 3.37 4.37
UNK UNX ZA . 37.55 -11.70 -4.58
UNK UNX AB . 20.02 -11.66 -7.98
UNK UNX BB . 35.93 -19.08 -0.63
UNK UNX CB . 11.61 -25.43 -12.48
UNK UNX DB . 12.25 1.50 -14.00
UNK UNX EB . 26.93 1.06 -17.93
UNK UNX FB . 25.87 -8.62 14.62
UNK UNX GB . 14.41 -2.02 -2.65
UNK UNX HB . -0.75 -5.19 0.92
UNK UNX IB . 16.70 -30.85 -0.80
UNK UNX JB . 16.66 -14.96 13.48
UNK UNX KB . 18.14 1.27 0.44
UNK UNX LB . 8.35 -11.93 -20.65
UNK UNX MB . 10.85 -12.49 -21.53
UNK UNX NB . -6.58 13.27 -8.58
UNK UNX OB . -2.78 17.33 -16.16
UNK UNX PB . -7.68 14.13 -15.88
UNK UNX QB . 17.17 1.96 4.99
#